data_5OKU
#
_entry.id   5OKU
#
_cell.length_a   46.900
_cell.length_b   166.609
_cell.length_c   82.175
_cell.angle_alpha   90.00
_cell.angle_beta   90.00
_cell.angle_gamma   90.00
#
_symmetry.space_group_name_H-M   'C 2 2 21'
#
loop_
_entity.id
_entity.type
_entity.pdbx_description
1 polymer 'Uncharacterized protein family UPF0065:Tat pathway signal'
2 non-polymer 'hexanedioic acid'
3 non-polymer 'SULFATE ION'
4 non-polymer GLYCEROL
5 non-polymer 'ACETIC ACID'
6 water water
#
_entity_poly.entity_id   1
_entity_poly.type   'polypeptide(L)'
_entity_poly.pdbx_seq_one_letter_code
;MGGSHHHHHHGMASMTGGQQMGRDLYDDDDKDPSSDWPTRQVTLVVPFTSGGTTDMLARLIAARLSEHYGQSFVIDNRSG
ESGNIAASYVAKVPADGYTFIIGTPGIHATNRLVYRTMGYDPATDFTPVIVIARVPNLLSVTKSLPVTSVADLISYARQR
PRELFYGVSALGSTGHLSTELFKTMTGVEITAVPYKGSAPMLRDLAEGRVHLTIDNLPASKPLLEAGEIRPLAVTTAKRW
PPLSHLPTIAEAGVPGYETASWFTVGAPRGTPTEIVTSLNTTVAAFLGSDSGTVKLREIGAEPGGGSPQDMQRHVEAEIA
RWEKVAKTAGIAPL
;
_entity_poly.pdbx_strand_id   A
#
loop_
_chem_comp.id
_chem_comp.type
_chem_comp.name
_chem_comp.formula
0L1 non-polymer 'hexanedioic acid' 'C6 H10 O4'
ACY non-polymer 'ACETIC ACID' 'C2 H4 O2'
GOL non-polymer GLYCEROL 'C3 H8 O3'
SO4 non-polymer 'SULFATE ION' 'O4 S -2'
#
# COMPACT_ATOMS: atom_id res chain seq x y z
N ASP A 36 2.23 22.14 -24.25
CA ASP A 36 0.87 21.76 -24.77
C ASP A 36 0.16 20.61 -23.95
N TRP A 37 0.91 19.61 -23.46
CA TRP A 37 0.31 18.48 -22.69
C TRP A 37 0.04 18.95 -21.27
N PRO A 38 -1.17 18.74 -20.74
CA PRO A 38 -2.27 18.06 -21.37
C PRO A 38 -3.33 19.04 -21.88
N THR A 39 -4.02 18.63 -22.94
CA THR A 39 -5.08 19.42 -23.56
C THR A 39 -6.45 18.81 -23.31
N ARG A 40 -6.50 17.72 -22.57
CA ARG A 40 -7.76 17.08 -22.26
C ARG A 40 -7.60 16.24 -21.00
N GLN A 41 -8.73 15.75 -20.54
CA GLN A 41 -8.82 15.05 -19.32
C GLN A 41 -7.87 13.86 -19.29
N VAL A 42 -7.18 13.76 -18.18
CA VAL A 42 -6.30 12.65 -17.83
C VAL A 42 -6.97 11.66 -16.85
N THR A 43 -6.84 10.36 -17.08
CA THR A 43 -7.35 9.35 -16.14
C THR A 43 -6.27 8.73 -15.28
N LEU A 44 -6.50 8.66 -13.98
CA LEU A 44 -5.64 7.92 -13.06
C LEU A 44 -6.42 6.69 -12.68
N VAL A 45 -5.92 5.54 -13.08
CA VAL A 45 -6.60 4.27 -12.77
C VAL A 45 -6.08 3.85 -11.40
N VAL A 46 -7.00 3.61 -10.47
CA VAL A 46 -6.69 3.24 -9.10
C VAL A 46 -7.22 1.80 -8.89
N PRO A 47 -6.34 0.86 -8.50
CA PRO A 47 -6.66 -0.57 -8.37
C PRO A 47 -7.50 -1.01 -7.19
N PHE A 48 -7.87 -0.07 -6.34
CA PHE A 48 -8.77 -0.32 -5.24
C PHE A 48 -9.81 0.76 -5.09
N THR A 49 -10.87 0.34 -4.41
CA THR A 49 -11.99 1.19 -4.08
C THR A 49 -11.66 2.30 -3.08
N SER A 50 -12.49 3.33 -3.05
CA SER A 50 -12.26 4.46 -2.13
C SER A 50 -12.29 3.99 -0.65
N GLY A 51 -11.65 4.78 0.23
CA GLY A 51 -11.47 4.40 1.66
C GLY A 51 -10.25 3.51 1.94
N GLY A 52 -9.46 3.23 0.91
CA GLY A 52 -8.14 2.66 1.10
C GLY A 52 -7.08 3.68 0.81
N THR A 53 -5.86 3.35 1.15
CA THR A 53 -4.76 4.26 0.98
C THR A 53 -4.43 4.64 -0.47
N THR A 54 -4.66 3.68 -1.39
CA THR A 54 -4.40 3.96 -2.79
C THR A 54 -5.25 5.15 -3.29
N ASP A 55 -6.55 5.00 -3.05
CA ASP A 55 -7.47 6.01 -3.46
C ASP A 55 -7.21 7.38 -2.76
N MET A 56 -6.95 7.34 -1.46
CA MET A 56 -6.65 8.59 -0.69
C MET A 56 -5.49 9.38 -1.24
N LEU A 57 -4.37 8.67 -1.47
CA LEU A 57 -3.22 9.26 -2.15
C LEU A 57 -3.59 9.77 -3.54
N ALA A 58 -4.34 8.99 -4.30
CA ALA A 58 -4.63 9.35 -5.69
C ALA A 58 -5.38 10.64 -5.72
N ARG A 59 -6.38 10.77 -4.84
CA ARG A 59 -7.20 12.00 -4.81
C ARG A 59 -6.44 13.26 -4.53
N LEU A 60 -5.49 13.16 -3.60
CA LEU A 60 -4.60 14.28 -3.34
C LEU A 60 -3.81 14.66 -4.57
N ILE A 61 -3.26 13.62 -5.21
CA ILE A 61 -2.43 13.82 -6.38
C ILE A 61 -3.31 14.39 -7.49
N ALA A 62 -4.46 13.80 -7.72
CA ALA A 62 -5.36 14.27 -8.74
C ALA A 62 -5.72 15.74 -8.58
N ALA A 63 -6.08 16.12 -7.35
CA ALA A 63 -6.48 17.48 -7.01
C ALA A 63 -5.35 18.41 -7.41
N ARG A 64 -4.16 18.07 -6.95
CA ARG A 64 -2.96 18.88 -7.28
C ARG A 64 -2.63 19.02 -8.77
N LEU A 65 -2.73 17.92 -9.49
CA LEU A 65 -2.38 17.91 -10.88
C LEU A 65 -3.39 18.76 -11.61
N SER A 66 -4.68 18.59 -11.29
CA SER A 66 -5.73 19.37 -11.91
C SER A 66 -5.53 20.88 -11.70
N GLU A 67 -5.07 21.28 -10.53
CA GLU A 67 -4.87 22.68 -10.29
C GLU A 67 -3.67 23.16 -11.09
N HIS A 68 -2.59 22.38 -11.09
CA HIS A 68 -1.36 22.78 -11.78
C HIS A 68 -1.54 22.92 -13.28
N TYR A 69 -2.07 21.88 -13.92
CA TYR A 69 -2.21 21.79 -15.38
C TYR A 69 -3.52 22.27 -15.97
N GLY A 70 -4.52 22.62 -15.17
CA GLY A 70 -5.76 23.13 -15.70
C GLY A 70 -6.62 22.14 -16.46
N GLN A 71 -6.40 20.85 -16.28
CA GLN A 71 -7.29 19.82 -16.80
C GLN A 71 -7.68 18.93 -15.65
N SER A 72 -8.81 18.25 -15.80
CA SER A 72 -9.23 17.26 -14.84
C SER A 72 -8.30 16.08 -14.88
N PHE A 73 -7.78 15.73 -13.72
CA PHE A 73 -7.19 14.43 -13.52
C PHE A 73 -8.25 13.68 -12.72
N VAL A 74 -8.99 12.74 -13.34
CA VAL A 74 -10.09 12.03 -12.70
C VAL A 74 -9.65 10.63 -12.35
N ILE A 75 -10.17 10.11 -11.25
CA ILE A 75 -9.82 8.77 -10.82
C ILE A 75 -10.79 7.81 -11.43
N ASP A 76 -10.30 6.67 -11.90
CA ASP A 76 -11.11 5.55 -12.25
C ASP A 76 -10.76 4.32 -11.34
N ASN A 77 -11.69 4.01 -10.42
CA ASN A 77 -11.46 2.96 -9.44
C ASN A 77 -11.80 1.69 -10.17
N ARG A 78 -10.80 0.87 -10.45
CA ARG A 78 -10.98 -0.38 -11.16
C ARG A 78 -10.37 -1.46 -10.33
N SER A 79 -11.21 -2.00 -9.48
CA SER A 79 -10.84 -3.09 -8.60
C SER A 79 -10.83 -4.42 -9.24
N GLY A 80 -10.18 -5.36 -8.60
CA GLY A 80 -10.22 -6.72 -9.02
C GLY A 80 -8.83 -7.25 -9.03
N GLU A 81 -8.70 -8.42 -8.41
CA GLU A 81 -7.50 -9.27 -8.37
C GLU A 81 -6.21 -8.57 -7.88
N SER A 82 -6.32 -7.90 -6.73
CA SER A 82 -5.22 -7.23 -6.06
C SER A 82 -4.56 -6.21 -7.00
N GLY A 83 -5.38 -5.57 -7.83
CA GLY A 83 -4.88 -4.64 -8.84
C GLY A 83 -4.49 -5.17 -10.23
N ASN A 84 -4.54 -6.49 -10.44
CA ASN A 84 -4.21 -7.07 -11.73
C ASN A 84 -5.13 -6.61 -12.87
N ILE A 85 -6.41 -6.41 -12.59
CA ILE A 85 -7.37 -6.01 -13.60
C ILE A 85 -7.01 -4.59 -14.06
N ALA A 86 -6.71 -3.70 -13.12
CA ALA A 86 -6.36 -2.33 -13.48
C ALA A 86 -5.00 -2.27 -14.21
N ALA A 87 -4.03 -2.99 -13.69
CA ALA A 87 -2.73 -3.05 -14.31
C ALA A 87 -2.79 -3.71 -15.77
N SER A 88 -3.59 -4.78 -15.95
CA SER A 88 -3.83 -5.33 -17.32
C SER A 88 -4.39 -4.28 -18.24
N TYR A 89 -5.35 -3.52 -17.74
CA TYR A 89 -5.96 -2.48 -18.48
C TYR A 89 -4.95 -1.43 -18.94
N VAL A 90 -4.18 -0.85 -18.03
CA VAL A 90 -3.34 0.32 -18.33
C VAL A 90 -2.15 -0.07 -19.21
N ALA A 91 -1.71 -1.32 -19.07
CA ALA A 91 -0.77 -1.93 -19.98
C ALA A 91 -1.21 -1.96 -21.44
N LYS A 92 -2.52 -1.94 -21.68
CA LYS A 92 -3.01 -2.08 -23.01
C LYS A 92 -3.44 -0.73 -23.59
N VAL A 93 -3.51 0.34 -22.80
CA VAL A 93 -4.07 1.55 -23.31
C VAL A 93 -3.08 2.30 -24.18
N PRO A 94 -3.59 3.23 -25.02
CA PRO A 94 -2.66 4.11 -25.73
C PRO A 94 -1.69 4.84 -24.81
N ALA A 95 -0.43 4.89 -25.23
CA ALA A 95 0.63 5.53 -24.48
C ALA A 95 0.73 6.99 -24.86
N ASP A 96 -0.36 7.72 -24.67
CA ASP A 96 -0.48 9.15 -25.06
C ASP A 96 -0.27 10.19 -23.92
N GLY A 97 -0.26 9.72 -22.66
CA GLY A 97 -0.23 10.59 -21.48
C GLY A 97 -1.59 11.03 -20.98
N TYR A 98 -2.64 10.36 -21.41
CA TYR A 98 -3.95 10.60 -20.88
C TYR A 98 -4.40 9.44 -20.01
N THR A 99 -3.55 8.45 -19.75
CA THR A 99 -3.92 7.41 -18.79
C THR A 99 -2.72 6.96 -18.03
N PHE A 100 -2.84 6.90 -16.71
CA PHE A 100 -1.78 6.42 -15.84
C PHE A 100 -2.36 5.49 -14.85
N ILE A 101 -1.46 4.75 -14.23
CA ILE A 101 -1.81 3.76 -13.18
C ILE A 101 -1.25 4.35 -11.89
N ILE A 102 -2.05 4.39 -10.82
CA ILE A 102 -1.52 4.48 -9.46
C ILE A 102 -1.11 3.07 -8.98
N GLY A 103 0.19 2.81 -9.06
CA GLY A 103 0.73 1.51 -8.76
C GLY A 103 0.91 1.26 -7.29
N THR A 104 1.08 0.00 -6.96
CA THR A 104 1.08 -0.45 -5.60
C THR A 104 2.15 -1.51 -5.47
N PRO A 105 2.45 -1.95 -4.25
CA PRO A 105 3.46 -3.04 -4.14
C PRO A 105 3.04 -4.36 -4.82
N GLY A 106 1.76 -4.69 -4.76
CA GLY A 106 1.24 -5.84 -5.50
C GLY A 106 1.53 -5.83 -6.96
N ILE A 107 1.14 -4.73 -7.60
CA ILE A 107 1.31 -4.57 -9.04
C ILE A 107 2.76 -4.63 -9.45
N HIS A 108 3.61 -3.89 -8.77
CA HIS A 108 4.99 -3.78 -9.17
C HIS A 108 5.85 -4.95 -8.69
N ALA A 109 5.47 -5.63 -7.62
CA ALA A 109 6.43 -6.49 -6.91
C ALA A 109 5.94 -7.71 -6.23
N THR A 110 4.73 -7.72 -5.69
CA THR A 110 4.30 -8.80 -4.80
C THR A 110 3.21 -9.74 -5.35
N ASN A 111 2.44 -9.28 -6.34
CA ASN A 111 1.37 -10.13 -6.87
C ASN A 111 1.89 -11.40 -7.47
N ARG A 112 3.07 -11.36 -8.07
CA ARG A 112 3.81 -12.52 -8.52
C ARG A 112 4.09 -13.58 -7.51
N LEU A 113 3.98 -13.27 -6.24
CA LEU A 113 4.20 -14.21 -5.15
C LEU A 113 2.96 -14.96 -4.78
N VAL A 114 1.81 -14.45 -5.24
CA VAL A 114 0.51 -15.09 -4.93
C VAL A 114 -0.40 -15.40 -6.15
N TYR A 115 -0.18 -14.76 -7.31
CA TYR A 115 -0.92 -15.07 -8.53
C TYR A 115 0.01 -15.77 -9.47
N ARG A 116 -0.49 -16.89 -9.98
CA ARG A 116 0.18 -17.69 -10.98
C ARG A 116 0.33 -16.95 -12.30
N THR A 117 -0.73 -16.38 -12.87
CA THR A 117 -0.63 -15.65 -14.15
C THR A 117 -1.35 -14.35 -13.97
N MET A 118 -0.88 -13.26 -14.55
CA MET A 118 -1.40 -11.94 -14.18
C MET A 118 -2.08 -11.07 -15.21
N GLY A 119 -1.77 -11.33 -16.48
CA GLY A 119 -2.37 -10.57 -17.57
C GLY A 119 -1.46 -9.46 -18.12
N TYR A 120 -0.36 -9.20 -17.44
CA TYR A 120 0.52 -8.11 -17.78
C TYR A 120 1.87 -8.48 -17.18
N ASP A 121 2.93 -7.84 -17.67
CA ASP A 121 4.26 -7.97 -17.09
C ASP A 121 4.65 -6.57 -16.58
N PRO A 122 4.68 -6.37 -15.25
CA PRO A 122 4.97 -4.99 -14.79
C PRO A 122 6.31 -4.51 -15.33
N ALA A 123 7.27 -5.44 -15.40
CA ALA A 123 8.63 -5.15 -15.86
C ALA A 123 8.70 -4.45 -17.23
N THR A 124 7.86 -4.85 -18.19
CA THR A 124 7.97 -4.37 -19.58
C THR A 124 6.85 -3.44 -19.96
N ASP A 125 5.68 -3.61 -19.34
CA ASP A 125 4.45 -2.95 -19.78
C ASP A 125 4.30 -1.46 -19.38
N PHE A 126 5.06 -1.02 -18.38
CA PHE A 126 4.95 0.29 -17.85
C PHE A 126 6.26 1.01 -17.95
N THR A 127 6.20 2.33 -17.87
CA THR A 127 7.40 3.10 -17.66
C THR A 127 7.24 3.88 -16.35
N PRO A 128 8.30 3.96 -15.52
CA PRO A 128 8.09 4.62 -14.25
C PRO A 128 7.90 6.16 -14.38
N VAL A 129 7.06 6.74 -13.52
CA VAL A 129 6.94 8.20 -13.37
C VAL A 129 7.58 8.68 -12.04
N ILE A 130 6.98 8.27 -10.90
CA ILE A 130 7.48 8.69 -9.57
C ILE A 130 6.92 7.84 -8.44
N VAL A 131 7.71 7.57 -7.41
CA VAL A 131 7.16 7.08 -6.16
C VAL A 131 6.43 8.23 -5.42
N ILE A 132 5.13 8.04 -5.16
CA ILE A 132 4.29 9.06 -4.49
C ILE A 132 4.58 9.08 -3.00
N ALA A 133 4.66 7.91 -2.37
CA ALA A 133 4.77 7.87 -0.94
C ALA A 133 5.31 6.59 -0.46
N ARG A 134 5.90 6.65 0.73
CA ARG A 134 6.24 5.49 1.52
C ARG A 134 5.38 5.52 2.81
N VAL A 135 4.88 4.38 3.21
CA VAL A 135 3.76 4.35 4.12
C VAL A 135 3.98 3.28 5.11
N PRO A 136 3.93 3.63 6.37
CA PRO A 136 4.07 2.52 7.32
C PRO A 136 2.82 1.66 7.34
N ASN A 137 2.99 0.39 7.66
CA ASN A 137 1.85 -0.42 7.99
C ASN A 137 1.66 -0.38 9.50
N LEU A 138 0.44 -0.72 9.93
CA LEU A 138 0.01 -0.69 11.31
C LEU A 138 -0.62 -2.04 11.69
N LEU A 139 -0.13 -2.66 12.75
CA LEU A 139 -0.76 -3.78 13.44
C LEU A 139 -1.84 -3.30 14.36
N SER A 140 -3.09 -3.70 14.17
CA SER A 140 -4.24 -3.27 14.99
C SER A 140 -5.07 -4.46 15.36
N VAL A 141 -5.89 -4.32 16.39
CA VAL A 141 -6.82 -5.35 16.74
C VAL A 141 -8.18 -4.73 16.98
N THR A 142 -9.17 -5.60 16.85
CA THR A 142 -10.55 -5.25 17.15
C THR A 142 -10.64 -5.00 18.69
N LYS A 143 -11.46 -4.01 19.06
CA LYS A 143 -11.60 -3.53 20.44
C LYS A 143 -11.88 -4.67 21.42
N SER A 144 -12.72 -5.61 21.07
CA SER A 144 -13.05 -6.69 22.02
C SER A 144 -11.97 -7.71 22.15
N LEU A 145 -10.91 -7.63 21.36
CA LEU A 145 -9.80 -8.54 21.60
C LEU A 145 -9.04 -7.94 22.79
N PRO A 146 -8.89 -8.70 23.91
CA PRO A 146 -8.36 -8.08 25.15
C PRO A 146 -6.84 -8.06 25.14
N VAL A 147 -6.25 -7.31 24.23
CA VAL A 147 -4.82 -7.23 24.15
C VAL A 147 -4.46 -5.78 23.96
N THR A 148 -3.37 -5.36 24.58
CA THR A 148 -2.96 -3.95 24.53
C THR A 148 -1.55 -3.74 23.99
N SER A 149 -0.89 -4.82 23.58
CA SER A 149 0.47 -4.77 23.10
C SER A 149 0.79 -6.00 22.24
N VAL A 150 1.89 -5.88 21.53
CA VAL A 150 2.31 -6.93 20.61
C VAL A 150 2.58 -8.23 21.39
N ALA A 151 3.30 -8.12 22.51
CA ALA A 151 3.56 -9.28 23.38
C ALA A 151 2.26 -9.85 23.97
N ASP A 152 1.32 -9.00 24.38
CA ASP A 152 -0.01 -9.50 24.77
C ASP A 152 -0.56 -10.35 23.60
N LEU A 153 -0.49 -9.80 22.37
CA LEU A 153 -1.16 -10.43 21.22
C LEU A 153 -0.52 -11.80 20.96
N ILE A 154 0.79 -11.86 21.07
CA ILE A 154 1.48 -13.11 20.78
C ILE A 154 1.11 -14.18 21.81
N SER A 155 1.05 -13.84 23.09
CA SER A 155 0.68 -14.84 24.10
C SER A 155 -0.72 -15.27 23.86
N TYR A 156 -1.59 -14.29 23.60
CA TYR A 156 -3.02 -14.55 23.42
C TYR A 156 -3.27 -15.58 22.28
N ALA A 157 -2.60 -15.32 21.14
CA ALA A 157 -2.71 -16.17 19.94
C ALA A 157 -2.00 -17.48 20.09
N ARG A 158 -0.88 -17.51 20.82
CA ARG A 158 -0.19 -18.79 21.12
C ARG A 158 -1.05 -19.71 21.97
N GLN A 159 -1.88 -19.17 22.85
CA GLN A 159 -2.79 -19.99 23.65
C GLN A 159 -3.91 -20.54 22.82
N ARG A 160 -4.26 -19.83 21.73
CA ARG A 160 -5.35 -20.18 20.80
C ARG A 160 -4.92 -20.42 19.35
N PRO A 161 -4.13 -21.46 19.11
CA PRO A 161 -3.66 -21.66 17.74
C PRO A 161 -4.79 -21.98 16.75
N ARG A 162 -4.79 -21.32 15.61
CA ARG A 162 -5.71 -21.58 14.49
C ARG A 162 -7.20 -21.30 14.78
N GLU A 163 -7.47 -20.41 15.75
CA GLU A 163 -8.83 -19.98 16.07
C GLU A 163 -9.11 -18.55 15.67
N LEU A 164 -8.10 -17.72 15.62
CA LEU A 164 -8.31 -16.34 15.29
C LEU A 164 -8.09 -16.08 13.83
N PHE A 165 -8.66 -14.98 13.35
CA PHE A 165 -8.71 -14.63 11.96
C PHE A 165 -8.07 -13.28 11.80
N TYR A 166 -7.32 -13.07 10.72
CA TYR A 166 -6.89 -11.74 10.33
C TYR A 166 -7.36 -11.26 8.98
N GLY A 167 -7.50 -9.95 8.87
CA GLY A 167 -7.99 -9.32 7.71
C GLY A 167 -6.86 -8.98 6.78
N VAL A 168 -7.05 -9.27 5.49
CA VAL A 168 -6.09 -9.01 4.39
C VAL A 168 -6.80 -8.02 3.45
N SER A 169 -6.24 -6.83 3.29
CA SER A 169 -6.83 -5.82 2.37
C SER A 169 -6.87 -6.30 0.91
N ALA A 170 -5.83 -7.01 0.48
CA ALA A 170 -5.75 -7.65 -0.82
C ALA A 170 -4.77 -8.83 -0.77
N LEU A 171 -5.07 -9.93 -1.47
CA LEU A 171 -4.10 -11.00 -1.65
C LEU A 171 -2.78 -10.44 -2.23
N GLY A 172 -1.66 -10.78 -1.59
CA GLY A 172 -0.31 -10.29 -1.96
C GLY A 172 0.03 -8.87 -1.56
N SER A 173 -0.86 -8.19 -0.85
CA SER A 173 -0.54 -6.85 -0.34
C SER A 173 0.56 -6.93 0.76
N THR A 174 1.13 -5.80 1.10
CA THR A 174 2.23 -5.75 2.08
C THR A 174 1.72 -6.17 3.44
N GLY A 175 0.47 -5.84 3.73
CA GLY A 175 -0.21 -6.26 4.94
C GLY A 175 -0.32 -7.74 5.06
N HIS A 176 -0.84 -8.37 4.01
CA HIS A 176 -0.87 -9.81 3.92
C HIS A 176 0.47 -10.50 4.17
N LEU A 177 1.48 -10.11 3.42
CA LEU A 177 2.79 -10.70 3.57
C LEU A 177 3.45 -10.27 4.90
N SER A 178 3.18 -9.04 5.34
CA SER A 178 3.66 -8.61 6.64
C SER A 178 3.12 -9.48 7.73
N THR A 179 1.83 -9.84 7.67
CA THR A 179 1.26 -10.69 8.69
C THR A 179 1.79 -12.09 8.61
N GLU A 180 2.02 -12.57 7.39
CA GLU A 180 2.59 -13.94 7.22
C GLU A 180 4.01 -14.05 7.76
N LEU A 181 4.74 -12.96 7.61
CA LEU A 181 6.07 -12.91 8.16
C LEU A 181 6.03 -12.86 9.65
N PHE A 182 5.13 -12.02 10.19
CA PHE A 182 4.93 -11.90 11.63
C PHE A 182 4.61 -13.27 12.25
N LYS A 183 3.72 -14.00 11.56
CA LYS A 183 3.36 -15.35 11.90
C LYS A 183 4.57 -16.22 12.04
N THR A 184 5.40 -16.19 11.02
CA THR A 184 6.62 -17.00 11.00
C THR A 184 7.63 -16.60 12.07
N MET A 185 7.86 -15.32 12.31
CA MET A 185 8.77 -14.82 13.34
C MET A 185 8.37 -14.97 14.80
N THR A 186 7.09 -15.28 15.06
CA THR A 186 6.57 -15.36 16.38
C THR A 186 5.94 -16.72 16.66
N GLY A 187 5.79 -17.55 15.64
CA GLY A 187 5.15 -18.85 15.76
C GLY A 187 3.64 -18.81 15.98
N VAL A 188 2.98 -17.70 15.71
CA VAL A 188 1.52 -17.67 15.93
C VAL A 188 0.76 -18.18 14.70
N GLU A 189 -0.35 -18.81 14.93
CA GLU A 189 -1.14 -19.45 13.88
C GLU A 189 -2.48 -18.75 13.88
N ILE A 190 -2.73 -18.00 12.84
CA ILE A 190 -3.95 -17.25 12.63
C ILE A 190 -4.28 -17.29 11.13
N THR A 191 -5.58 -17.32 10.83
CA THR A 191 -6.11 -17.62 9.50
C THR A 191 -6.51 -16.33 8.75
N ALA A 192 -5.94 -16.16 7.57
CA ALA A 192 -6.24 -15.01 6.67
C ALA A 192 -7.66 -14.96 6.06
N VAL A 193 -8.28 -13.77 6.04
CA VAL A 193 -9.51 -13.54 5.33
C VAL A 193 -9.25 -12.44 4.28
N PRO A 194 -9.24 -12.80 2.99
CA PRO A 194 -9.02 -11.80 1.96
C PRO A 194 -10.23 -10.91 1.79
N TYR A 195 -9.99 -9.64 1.53
CA TYR A 195 -11.04 -8.66 1.15
C TYR A 195 -10.65 -7.98 -0.18
N LYS A 196 -11.56 -7.18 -0.72
CA LYS A 196 -11.32 -6.54 -2.01
C LYS A 196 -10.57 -5.22 -1.96
N GLY A 197 -10.35 -4.75 -0.74
CA GLY A 197 -9.52 -3.56 -0.50
C GLY A 197 -9.50 -3.32 1.00
N SER A 198 -8.84 -2.22 1.42
CA SER A 198 -8.72 -1.89 2.83
C SER A 198 -10.09 -1.59 3.44
N ALA A 199 -10.90 -0.86 2.70
CA ALA A 199 -12.16 -0.32 3.25
C ALA A 199 -13.07 -1.42 3.79
N PRO A 200 -13.41 -2.44 2.98
CA PRO A 200 -14.28 -3.47 3.58
C PRO A 200 -13.58 -4.30 4.66
N MET A 201 -12.26 -4.51 4.55
CA MET A 201 -11.54 -5.32 5.55
C MET A 201 -11.67 -4.59 6.87
N LEU A 202 -11.52 -3.28 6.83
CA LEU A 202 -11.49 -2.50 8.05
C LEU A 202 -12.88 -2.42 8.71
N ARG A 203 -13.96 -2.42 7.94
CA ARG A 203 -15.30 -2.48 8.55
C ARG A 203 -15.44 -3.79 9.30
N ASP A 204 -14.94 -4.88 8.75
CA ASP A 204 -15.01 -6.19 9.40
C ASP A 204 -14.12 -6.30 10.59
N LEU A 205 -12.94 -5.69 10.51
CA LEU A 205 -12.10 -5.56 11.71
C LEU A 205 -12.83 -4.77 12.81
N ALA A 206 -13.44 -3.63 12.48
CA ALA A 206 -14.22 -2.84 13.50
C ALA A 206 -15.26 -3.72 14.18
N GLU A 207 -16.05 -4.49 13.40
CA GLU A 207 -17.05 -5.44 13.95
C GLU A 207 -16.52 -6.71 14.60
N GLY A 208 -15.24 -7.01 14.51
CA GLY A 208 -14.74 -8.25 15.11
C GLY A 208 -15.02 -9.52 14.31
N ARG A 209 -15.28 -9.35 13.02
CA ARG A 209 -15.40 -10.49 12.13
C ARG A 209 -13.97 -10.97 11.73
N VAL A 210 -12.98 -10.08 11.86
CA VAL A 210 -11.60 -10.51 12.05
C VAL A 210 -11.09 -9.89 13.30
N HIS A 211 -10.05 -10.52 13.85
CA HIS A 211 -9.49 -10.11 15.13
C HIS A 211 -8.37 -9.06 15.04
N LEU A 212 -7.56 -9.12 13.98
CA LEU A 212 -6.40 -8.20 13.79
C LEU A 212 -6.10 -7.97 12.34
N THR A 213 -5.27 -6.98 12.07
CA THR A 213 -4.75 -6.76 10.72
C THR A 213 -3.39 -6.12 10.78
N ILE A 214 -2.56 -6.31 9.76
CA ILE A 214 -1.49 -5.38 9.48
C ILE A 214 -1.89 -4.76 8.18
N ASP A 215 -2.00 -3.46 8.14
CA ASP A 215 -2.41 -2.80 6.92
C ASP A 215 -2.01 -1.36 6.94
N ASN A 216 -2.12 -0.71 5.79
CA ASN A 216 -1.55 0.62 5.58
C ASN A 216 -2.09 1.60 6.63
N LEU A 217 -1.21 2.41 7.20
CA LEU A 217 -1.62 3.41 8.15
C LEU A 217 -2.79 4.31 7.71
N PRO A 218 -2.70 4.98 6.54
CA PRO A 218 -3.71 6.00 6.25
C PRO A 218 -5.18 5.56 6.23
N ALA A 219 -5.40 4.31 5.85
CA ALA A 219 -6.75 3.73 5.80
C ALA A 219 -7.19 3.34 7.23
N SER A 220 -6.22 2.95 8.07
CA SER A 220 -6.48 2.58 9.45
C SER A 220 -6.69 3.80 10.33
N LYS A 221 -6.04 4.91 10.01
CA LYS A 221 -5.96 6.04 10.94
C LYS A 221 -7.31 6.61 11.39
N PRO A 222 -8.26 6.87 10.47
CA PRO A 222 -9.58 7.33 10.91
C PRO A 222 -10.27 6.42 11.92
N LEU A 223 -10.12 5.11 11.78
CA LEU A 223 -10.66 4.17 12.75
C LEU A 223 -9.94 4.24 14.09
N LEU A 224 -8.65 4.58 14.11
CA LEU A 224 -7.94 4.79 15.38
C LEU A 224 -8.47 5.98 16.11
N GLU A 225 -8.53 7.10 15.40
CA GLU A 225 -8.93 8.37 16.01
C GLU A 225 -10.35 8.26 16.54
N ALA A 226 -11.22 7.56 15.80
CA ALA A 226 -12.59 7.30 16.25
C ALA A 226 -12.75 6.21 17.35
N GLY A 227 -11.67 5.60 17.84
CA GLY A 227 -11.74 4.50 18.78
C GLY A 227 -12.18 3.12 18.29
N GLU A 228 -12.42 2.90 17.00
CA GLU A 228 -13.09 1.63 16.56
C GLU A 228 -12.17 0.39 16.56
N ILE A 229 -10.87 0.61 16.45
CA ILE A 229 -9.87 -0.46 16.52
C ILE A 229 -8.75 0.07 17.43
N ARG A 230 -7.94 -0.85 17.93
CA ARG A 230 -6.83 -0.53 18.83
C ARG A 230 -5.48 -0.76 18.16
N PRO A 231 -4.70 0.31 17.95
CA PRO A 231 -3.40 0.18 17.35
C PRO A 231 -2.42 -0.44 18.33
N LEU A 232 -1.51 -1.32 17.87
CA LEU A 232 -0.47 -1.94 18.71
C LEU A 232 0.94 -1.47 18.34
N ALA A 233 1.22 -1.30 17.05
CA ALA A 233 2.58 -1.07 16.58
C ALA A 233 2.66 -0.84 15.09
N VAL A 234 3.65 -0.02 14.70
CA VAL A 234 3.99 0.19 13.30
C VAL A 234 5.03 -0.85 12.87
N THR A 235 5.08 -1.11 11.56
CA THR A 235 5.88 -2.17 10.99
C THR A 235 7.29 -1.72 10.61
N THR A 236 7.49 -0.40 10.60
CA THR A 236 8.71 0.21 10.15
C THR A 236 9.80 0.07 11.24
N ALA A 237 11.01 0.40 10.84
CA ALA A 237 12.18 0.23 11.68
C ALA A 237 12.24 1.32 12.69
N LYS A 238 11.67 2.48 12.34
CA LYS A 238 11.49 3.57 13.27
C LYS A 238 10.05 3.86 13.43
N ARG A 239 9.70 4.47 14.55
CA ARG A 239 8.37 4.90 14.83
C ARG A 239 7.89 5.96 13.82
N TRP A 240 6.60 6.05 13.69
CA TRP A 240 6.02 7.07 12.86
C TRP A 240 5.92 8.34 13.75
N PRO A 241 6.75 9.39 13.49
CA PRO A 241 6.75 10.60 14.38
C PRO A 241 5.38 11.17 14.83
N PRO A 242 4.38 11.27 13.94
CA PRO A 242 3.12 11.76 14.49
C PRO A 242 2.35 10.75 15.40
N LEU A 243 2.81 9.52 15.54
CA LEU A 243 2.25 8.62 16.56
C LEU A 243 3.42 8.03 17.28
N SER A 244 4.22 8.92 17.86
CA SER A 244 5.53 8.59 18.33
C SER A 244 5.49 7.71 19.54
N HIS A 245 4.33 7.51 20.12
CA HIS A 245 4.26 6.68 21.28
C HIS A 245 3.66 5.30 20.95
N LEU A 246 3.38 4.99 19.67
CA LEU A 246 3.18 3.61 19.24
C LEU A 246 4.55 3.01 18.98
N PRO A 247 4.87 1.87 19.61
CA PRO A 247 6.17 1.26 19.30
C PRO A 247 6.27 0.64 17.89
N THR A 248 7.48 0.39 17.44
CA THR A 248 7.66 -0.45 16.28
C THR A 248 7.48 -1.92 16.70
N ILE A 249 7.02 -2.77 15.79
CA ILE A 249 6.96 -4.23 16.05
C ILE A 249 8.34 -4.80 16.47
N ALA A 250 9.42 -4.30 15.87
CA ALA A 250 10.78 -4.72 16.23
C ALA A 250 11.11 -4.48 17.72
N GLU A 251 10.90 -3.26 18.17
CA GLU A 251 11.15 -2.93 19.58
C GLU A 251 10.05 -3.50 20.49
N ALA A 252 8.89 -3.91 19.94
CA ALA A 252 7.81 -4.39 20.81
C ALA A 252 7.79 -5.91 20.94
N GLY A 253 8.84 -6.58 20.50
CA GLY A 253 8.93 -8.02 20.70
C GLY A 253 9.42 -8.90 19.55
N VAL A 254 9.64 -8.35 18.37
CA VAL A 254 9.98 -9.17 17.19
C VAL A 254 11.27 -8.58 16.54
N PRO A 255 12.45 -8.84 17.15
CA PRO A 255 13.72 -8.31 16.65
C PRO A 255 13.96 -8.43 15.11
N GLY A 256 14.25 -7.27 14.51
CA GLY A 256 14.56 -7.18 13.07
C GLY A 256 13.37 -7.16 12.09
N TYR A 257 12.13 -7.21 12.58
CA TYR A 257 10.95 -7.10 11.75
C TYR A 257 10.90 -5.71 11.19
N GLU A 258 10.71 -5.58 9.89
CA GLU A 258 10.51 -4.27 9.29
C GLU A 258 9.79 -4.43 7.93
N THR A 259 8.64 -3.80 7.78
CA THR A 259 7.95 -3.74 6.49
C THR A 259 7.33 -2.38 6.31
N ALA A 260 6.92 -2.09 5.08
CA ALA A 260 6.35 -0.80 4.72
C ALA A 260 5.71 -0.98 3.36
N SER A 261 4.92 -0.01 2.95
CA SER A 261 4.20 -0.07 1.72
C SER A 261 4.58 1.22 1.01
N TRP A 262 4.15 1.37 -0.21
CA TRP A 262 4.51 2.50 -1.08
C TRP A 262 3.60 2.51 -2.28
N PHE A 263 3.55 3.65 -2.96
CA PHE A 263 2.61 3.87 -4.05
C PHE A 263 3.29 4.71 -5.09
N THR A 264 2.89 4.49 -6.32
CA THR A 264 3.58 5.06 -7.51
C THR A 264 2.63 5.61 -8.52
N VAL A 265 3.17 6.43 -9.44
CA VAL A 265 2.53 6.74 -10.71
C VAL A 265 3.36 5.98 -11.73
N GLY A 266 2.71 5.17 -12.54
CA GLY A 266 3.31 4.52 -13.69
C GLY A 266 2.53 4.89 -14.96
N ALA A 267 3.21 4.82 -16.10
CA ALA A 267 2.61 5.10 -17.37
C ALA A 267 2.75 3.87 -18.27
N PRO A 268 1.87 3.74 -19.30
CA PRO A 268 2.05 2.73 -20.32
C PRO A 268 3.41 2.91 -21.02
N ARG A 269 4.04 1.77 -21.29
CA ARG A 269 5.22 1.78 -22.06
C ARG A 269 5.05 2.58 -23.36
N GLY A 270 6.05 3.42 -23.64
CA GLY A 270 6.04 4.27 -24.83
C GLY A 270 5.54 5.66 -24.59
N THR A 271 5.17 6.02 -23.36
CA THR A 271 4.59 7.35 -23.10
C THR A 271 5.68 8.42 -23.35
N PRO A 272 5.37 9.48 -24.10
CA PRO A 272 6.41 10.48 -24.39
C PRO A 272 7.23 10.86 -23.17
N THR A 273 8.54 10.90 -23.34
CA THR A 273 9.49 11.31 -22.30
C THR A 273 9.22 12.71 -21.72
N GLU A 274 8.88 13.69 -22.57
CA GLU A 274 8.42 15.03 -22.16
C GLU A 274 7.25 14.96 -21.20
N ILE A 275 6.33 14.05 -21.45
CA ILE A 275 5.22 13.92 -20.50
C ILE A 275 5.68 13.31 -19.15
N VAL A 276 6.45 12.24 -19.15
CA VAL A 276 6.87 11.62 -17.91
C VAL A 276 7.68 12.64 -17.07
N THR A 277 8.54 13.40 -17.72
CA THR A 277 9.38 14.37 -17.05
C THR A 277 8.54 15.54 -16.46
N SER A 278 7.58 16.04 -17.23
CA SER A 278 6.69 17.11 -16.71
C SER A 278 5.87 16.62 -15.49
N LEU A 279 5.28 15.45 -15.65
CA LEU A 279 4.52 14.84 -14.57
C LEU A 279 5.40 14.57 -13.37
N ASN A 280 6.55 13.92 -13.56
CA ASN A 280 7.44 13.67 -12.45
C ASN A 280 7.77 14.99 -11.70
N THR A 281 8.22 16.02 -12.42
CA THR A 281 8.55 17.34 -11.83
C THR A 281 7.41 17.94 -11.00
N THR A 282 6.20 17.89 -11.53
CA THR A 282 5.05 18.44 -10.85
C THR A 282 4.74 17.67 -9.52
N VAL A 283 4.73 16.36 -9.58
CA VAL A 283 4.51 15.56 -8.42
C VAL A 283 5.62 15.76 -7.38
N ALA A 284 6.86 15.77 -7.82
CA ALA A 284 8.00 16.01 -6.96
C ALA A 284 7.96 17.40 -6.26
N ALA A 285 7.56 18.44 -6.96
CA ALA A 285 7.41 19.77 -6.36
C ALA A 285 6.32 19.76 -5.32
N PHE A 286 5.19 19.11 -5.56
CA PHE A 286 4.20 18.93 -4.48
C PHE A 286 4.80 18.15 -3.29
N LEU A 287 5.43 16.98 -3.50
CA LEU A 287 5.86 16.12 -2.40
C LEU A 287 6.95 16.71 -1.53
N GLY A 288 7.89 17.40 -2.14
CA GLY A 288 8.95 18.09 -1.41
C GLY A 288 8.57 19.47 -0.84
N SER A 289 7.46 20.08 -1.27
CA SER A 289 6.98 21.31 -0.66
C SER A 289 6.61 21.09 0.82
N ASP A 290 6.61 22.21 1.56
CA ASP A 290 6.32 22.15 3.01
C ASP A 290 4.89 21.73 3.19
N SER A 291 4.05 22.38 2.40
CA SER A 291 2.64 22.17 2.42
C SER A 291 2.23 20.72 2.09
N GLY A 292 2.86 20.17 1.05
CA GLY A 292 2.55 18.82 0.60
C GLY A 292 3.01 17.73 1.52
N THR A 293 4.17 17.93 2.11
CA THR A 293 4.70 17.05 3.14
C THR A 293 3.76 17.01 4.34
N VAL A 294 3.23 18.17 4.70
CA VAL A 294 2.26 18.26 5.77
C VAL A 294 1.03 17.47 5.42
N LYS A 295 0.50 17.67 4.21
CA LYS A 295 -0.71 16.94 3.83
C LYS A 295 -0.50 15.43 3.88
N LEU A 296 0.65 14.98 3.40
CA LEU A 296 0.91 13.56 3.39
C LEU A 296 1.06 13.02 4.80
N ARG A 297 1.92 13.67 5.60
CA ARG A 297 2.12 13.21 7.00
C ARG A 297 0.87 13.25 7.86
N GLU A 298 -0.07 14.18 7.58
CA GLU A 298 -1.38 14.30 8.29
C GLU A 298 -2.21 13.03 8.05
N ILE A 299 -2.08 12.40 6.88
CA ILE A 299 -2.88 11.18 6.61
C ILE A 299 -2.13 9.88 6.88
N GLY A 300 -0.87 9.94 7.31
CA GLY A 300 -0.12 8.73 7.66
C GLY A 300 0.91 8.22 6.62
N ALA A 301 1.33 9.12 5.74
CA ALA A 301 2.21 8.78 4.65
C ALA A 301 3.42 9.70 4.60
N GLU A 302 4.54 9.13 4.25
CA GLU A 302 5.77 9.88 3.98
C GLU A 302 5.90 10.19 2.46
N PRO A 303 6.03 11.47 2.09
CA PRO A 303 6.29 11.78 0.69
C PRO A 303 7.46 10.98 0.10
N GLY A 304 7.32 10.51 -1.14
CA GLY A 304 8.40 9.77 -1.84
C GLY A 304 9.18 10.82 -2.60
N GLY A 305 9.12 10.77 -3.92
CA GLY A 305 9.73 11.80 -4.73
C GLY A 305 10.86 11.14 -5.49
N GLY A 306 11.79 11.96 -6.00
CA GLY A 306 12.90 11.44 -6.81
C GLY A 306 12.59 11.22 -8.29
N SER A 307 13.49 10.52 -8.97
CA SER A 307 13.40 10.40 -10.41
C SER A 307 12.61 9.12 -10.85
N PRO A 308 12.26 9.05 -12.14
CA PRO A 308 11.69 7.84 -12.70
C PRO A 308 12.55 6.60 -12.50
N GLN A 309 13.87 6.77 -12.67
CA GLN A 309 14.76 5.68 -12.39
C GLN A 309 14.88 5.34 -10.88
N ASP A 310 14.71 6.30 -9.98
CA ASP A 310 14.59 5.97 -8.54
C ASP A 310 13.44 5.00 -8.23
N MET A 311 12.32 5.23 -8.89
CA MET A 311 11.15 4.34 -8.77
C MET A 311 11.52 2.93 -9.19
N GLN A 312 12.19 2.85 -10.33
CA GLN A 312 12.65 1.56 -10.86
C GLN A 312 13.61 0.84 -9.91
N ARG A 313 14.48 1.58 -9.25
CA ARG A 313 15.41 0.94 -8.28
C ARG A 313 14.72 0.41 -7.08
N HIS A 314 13.79 1.23 -6.63
CA HIS A 314 12.95 0.86 -5.54
C HIS A 314 12.12 -0.39 -5.85
N VAL A 315 11.47 -0.40 -7.00
CA VAL A 315 10.71 -1.58 -7.42
C VAL A 315 11.62 -2.82 -7.45
N GLU A 316 12.79 -2.74 -8.10
CA GLU A 316 13.70 -3.89 -8.21
C GLU A 316 14.15 -4.41 -6.86
N ALA A 317 14.42 -3.50 -5.93
CA ALA A 317 14.80 -3.94 -4.59
C ALA A 317 13.65 -4.59 -3.84
N GLU A 318 12.45 -4.04 -3.97
CA GLU A 318 11.29 -4.63 -3.39
C GLU A 318 10.93 -6.02 -3.91
N ILE A 319 11.11 -6.23 -5.20
CA ILE A 319 10.90 -7.57 -5.82
C ILE A 319 11.77 -8.58 -5.09
N ALA A 320 13.03 -8.23 -4.98
CA ALA A 320 13.99 -9.12 -4.42
C ALA A 320 13.65 -9.40 -2.95
N ARG A 321 13.44 -8.33 -2.19
CA ARG A 321 13.35 -8.57 -0.76
C ARG A 321 12.01 -9.25 -0.31
N TRP A 322 10.90 -8.97 -1.01
CA TRP A 322 9.65 -9.65 -0.70
C TRP A 322 9.63 -11.08 -1.20
N GLU A 323 10.35 -11.34 -2.28
CA GLU A 323 10.49 -12.71 -2.75
C GLU A 323 11.13 -13.55 -1.60
N LYS A 324 12.11 -12.99 -0.90
CA LYS A 324 12.70 -13.75 0.21
C LYS A 324 11.76 -13.89 1.36
N VAL A 325 11.02 -12.84 1.66
CA VAL A 325 10.03 -12.85 2.70
C VAL A 325 9.04 -13.97 2.47
N ALA A 326 8.51 -14.02 1.27
CA ALA A 326 7.52 -14.98 0.89
C ALA A 326 8.04 -16.39 1.05
N LYS A 327 9.26 -16.63 0.64
CA LYS A 327 9.77 -17.98 0.83
C LYS A 327 9.90 -18.34 2.30
N THR A 328 10.40 -17.38 3.11
CA THR A 328 10.57 -17.58 4.52
C THR A 328 9.18 -17.78 5.23
N ALA A 329 8.16 -17.02 4.82
CA ALA A 329 6.85 -17.14 5.37
C ALA A 329 6.03 -18.30 4.87
N GLY A 330 6.51 -19.08 3.88
CA GLY A 330 5.70 -20.18 3.24
C GLY A 330 4.56 -19.79 2.27
N ILE A 331 4.75 -18.70 1.54
CA ILE A 331 3.71 -18.13 0.69
C ILE A 331 4.18 -18.27 -0.72
N ALA A 332 3.36 -18.90 -1.57
CA ALA A 332 3.61 -18.99 -3.01
C ALA A 332 2.30 -19.15 -3.81
N PRO A 333 2.33 -18.90 -5.14
CA PRO A 333 1.08 -19.10 -5.92
C PRO A 333 0.58 -20.54 -5.85
N LEU A 334 -0.75 -20.74 -5.67
CA LEU A 334 -1.41 -22.08 -5.77
C LEU A 334 -1.21 -22.71 -7.21
O1 0L1 B . -5.88 0.81 -1.39
C2 0L1 B . -6.23 -0.24 -0.76
O2 0L1 B . -7.39 -0.42 -0.31
C3 0L1 B . -5.28 -1.42 -0.58
C4 0L1 B . -3.81 -1.07 -0.89
C5 0L1 B . -2.83 -2.18 -0.44
C6 0L1 B . -1.34 -1.77 -0.73
C7 0L1 B . -0.31 -2.76 -0.12
O4 0L1 B . 0.15 -2.58 1.05
O3 0L1 B . 0.05 -3.76 -0.83
S SO4 C . 9.40 3.98 -22.51
O1 SO4 C . 8.34 3.10 -21.99
O2 SO4 C . 9.96 4.89 -21.45
O3 SO4 C . 8.84 4.91 -23.48
O4 SO4 C . 10.54 3.25 -23.04
S SO4 D . -0.81 22.05 -1.32
O1 SO4 D . -0.13 21.51 -0.14
O2 SO4 D . -1.14 23.48 -1.13
O3 SO4 D . -2.06 21.28 -1.55
O4 SO4 D . 0.08 21.86 -2.49
S SO4 E . -11.33 -9.96 -6.54
O1 SO4 E . -11.10 -8.89 -5.52
O2 SO4 E . -12.62 -10.60 -6.18
O3 SO4 E . -11.38 -9.35 -7.87
O4 SO4 E . -10.27 -11.00 -6.68
C1 GOL F . 12.52 -8.82 7.42
O1 GOL F . 12.18 -8.03 8.56
C2 GOL F . 12.96 -7.82 6.36
O2 GOL F . 12.28 -6.64 6.71
C3 GOL F . 12.55 -8.11 4.93
O3 GOL F . 13.44 -8.97 4.22
C1 GOL G . 6.36 21.99 -16.85
O1 GOL G . 5.32 22.53 -17.67
C2 GOL G . 5.81 21.95 -15.42
O2 GOL G . 4.39 21.75 -15.41
C3 GOL G . 6.50 20.80 -14.67
O3 GOL G . 6.05 20.82 -13.31
C ACY H . -11.46 -17.85 24.81
O ACY H . -11.78 -16.75 24.37
OXT ACY H . -11.57 -18.83 24.07
CH3 ACY H . -11.02 -18.00 26.24
#